data_3GRF
#
_entry.id   3GRF
#
_cell.length_a   95.490
_cell.length_b   95.490
_cell.length_c   56.960
_cell.angle_alpha   90.00
_cell.angle_beta   90.00
_cell.angle_gamma   120.00
#
_symmetry.space_group_name_H-M   'P 63'
#
loop_
_entity.id
_entity.type
_entity.pdbx_description
1 polymer 'Ornithine carbamoyltransferase'
2 non-polymer 'NICKEL (II) ION'
3 water water
#
_entity_poly.entity_id   1
_entity_poly.type   'polypeptide(L)'
_entity_poly.pdbx_seq_one_letter_code
;GMPFKQTRHLLTISALCPKELAYLIDRALDMKKNPAKYTARAANKTLLAFFAKPSLRTRVSLETAMTRLGGHAIYYELGA
NSNVGGKETVQDTAEVFSRMVDICTARLATKEMMREMAQHASVPCINALDDFGHPLQMVCDFMTIKEKFTAAGEFSNGFK
GIKFAYCGDSMNNVTYDLMRGCALLGMECHVCCPDHKDFKPIKEVIDECEEIIAKHGTGGSIKIFHDCKKGCEGVDVVYT
DSWMSYHITKEQKEARLKVLTPFQVDDAVMAVTSKRSIFMNCLPATRGEEQTASVIDGPKSVCYDEAGNRLHSAMAVLDF
FLHDCKME
;
_entity_poly.pdbx_strand_id   A
#
loop_
_chem_comp.id
_chem_comp.type
_chem_comp.name
_chem_comp.formula
NI non-polymer 'NICKEL (II) ION' 'Ni 2'
#
# COMPACT_ATOMS: atom_id res chain seq x y z
N LYS A 5 4.89 -19.66 12.57
CA LYS A 5 5.97 -20.50 12.08
C LYS A 5 5.43 -21.53 11.08
N GLN A 6 5.69 -21.18 9.86
CA GLN A 6 5.20 -21.96 8.78
C GLN A 6 3.82 -21.43 8.40
N THR A 7 3.21 -20.57 9.27
CA THR A 7 2.07 -19.79 8.85
C THR A 7 2.55 -18.57 8.05
N ARG A 8 1.96 -18.35 6.88
CA ARG A 8 2.28 -17.15 6.10
C ARG A 8 1.58 -15.91 6.63
N HIS A 9 2.37 -14.85 6.80
CA HIS A 9 1.95 -13.54 7.28
C HIS A 9 2.07 -12.54 6.13
N LEU A 10 1.80 -11.28 6.39
CA LEU A 10 1.92 -10.21 5.42
C LEU A 10 2.26 -8.99 6.25
N LEU A 11 3.53 -8.84 6.54
CA LEU A 11 4.02 -7.75 7.35
C LEU A 11 4.51 -6.58 6.46
N THR A 12 4.86 -6.93 5.22
CA THR A 12 5.21 -5.96 4.19
C THR A 12 4.76 -6.59 2.89
N ILE A 13 4.79 -5.83 1.80
CA ILE A 13 4.22 -6.36 0.56
C ILE A 13 5.15 -7.36 -0.10
N SER A 14 6.42 -7.32 0.21
CA SER A 14 7.48 -8.22 -0.23
C SER A 14 7.42 -9.57 0.52
N ALA A 15 6.35 -9.78 1.29
CA ALA A 15 6.01 -11.08 1.84
C ALA A 15 5.47 -11.91 0.66
N LEU A 16 5.10 -11.21 -0.42
CA LEU A 16 4.57 -11.83 -1.64
C LEU A 16 5.64 -11.88 -2.74
N CYS A 17 5.61 -12.93 -3.56
CA CYS A 17 6.45 -12.96 -4.73
C CYS A 17 5.68 -12.17 -5.71
N PRO A 18 6.32 -11.81 -6.85
CA PRO A 18 5.75 -10.92 -7.84
C PRO A 18 4.45 -11.46 -8.44
N LYS A 19 4.34 -12.78 -8.64
CA LYS A 19 3.14 -13.34 -9.22
C LYS A 19 1.98 -13.34 -8.22
N GLU A 20 2.29 -13.51 -6.94
CA GLU A 20 1.26 -13.43 -5.92
C GLU A 20 0.69 -12.04 -5.83
N LEU A 21 1.53 -11.02 -5.93
CA LEU A 21 1.06 -9.63 -5.92
C LEU A 21 0.20 -9.34 -7.14
N ALA A 22 0.59 -9.85 -8.30
CA ALA A 22 -0.17 -9.69 -9.55
C ALA A 22 -1.48 -10.48 -9.56
N TYR A 23 -1.48 -11.65 -8.94
CA TYR A 23 -2.70 -12.42 -8.71
C TYR A 23 -3.66 -11.66 -7.78
N LEU A 24 -3.15 -11.06 -6.71
CA LEU A 24 -4.02 -10.35 -5.74
C LEU A 24 -4.69 -9.17 -6.39
N ILE A 25 -3.95 -8.47 -7.25
CA ILE A 25 -4.42 -7.30 -8.03
C ILE A 25 -5.57 -7.73 -8.94
N ASP A 26 -5.36 -8.74 -9.76
CA ASP A 26 -6.41 -9.27 -10.60
C ASP A 26 -7.62 -9.84 -9.86
N ARG A 27 -7.38 -10.43 -8.68
CA ARG A 27 -8.48 -10.96 -7.89
C ARG A 27 -9.31 -9.75 -7.34
N ALA A 28 -8.62 -8.76 -6.82
CA ALA A 28 -9.26 -7.52 -6.35
C ALA A 28 -10.11 -6.93 -7.46
N LEU A 29 -9.55 -6.88 -8.66
CA LEU A 29 -10.24 -6.31 -9.82
C LEU A 29 -11.46 -7.14 -10.19
N ASP A 30 -11.33 -8.44 -10.09
CA ASP A 30 -12.50 -9.29 -10.42
C ASP A 30 -13.56 -9.25 -9.34
N MET A 31 -13.15 -9.09 -8.08
CA MET A 31 -14.11 -8.92 -6.98
C MET A 31 -14.79 -7.57 -7.01
N LYS A 32 -14.10 -6.56 -7.55
CA LYS A 32 -14.74 -5.27 -7.81
C LYS A 32 -15.87 -5.30 -8.77
N LYS A 33 -15.64 -6.04 -9.86
CA LYS A 33 -16.56 -6.15 -10.98
C LYS A 33 -17.62 -7.19 -10.81
N ASN A 34 -17.27 -8.30 -10.17
CA ASN A 34 -18.16 -9.44 -10.02
C ASN A 34 -18.30 -9.90 -8.55
N PRO A 35 -18.80 -9.01 -7.68
CA PRO A 35 -18.85 -9.38 -6.28
C PRO A 35 -19.77 -10.58 -6.01
N ALA A 36 -20.77 -10.79 -6.85
CA ALA A 36 -21.69 -11.84 -6.61
C ALA A 36 -21.02 -13.20 -6.53
N LYS A 37 -19.84 -13.34 -7.11
CA LYS A 37 -19.14 -14.63 -7.14
C LYS A 37 -18.50 -15.00 -5.78
N TYR A 38 -18.20 -13.99 -4.98
CA TYR A 38 -17.34 -14.14 -3.81
C TYR A 38 -18.11 -14.09 -2.49
N THR A 39 -19.40 -14.25 -2.62
CA THR A 39 -20.33 -13.91 -1.61
C THR A 39 -20.36 -14.90 -0.41
N ALA A 40 -19.69 -16.04 -0.55
CA ALA A 40 -19.68 -17.09 0.46
C ALA A 40 -18.26 -17.58 0.73
N ARG A 41 -17.28 -16.85 0.22
CA ARG A 41 -15.85 -17.20 0.38
C ARG A 41 -15.38 -17.26 1.84
N ALA A 42 -15.87 -16.35 2.68
CA ALA A 42 -15.57 -16.39 4.14
C ALA A 42 -16.78 -16.69 5.01
N ALA A 43 -17.78 -17.38 4.47
CA ALA A 43 -18.96 -17.69 5.23
C ALA A 43 -18.52 -18.32 6.55
N ASN A 44 -19.10 -17.86 7.67
CA ASN A 44 -18.83 -18.38 9.04
C ASN A 44 -17.42 -18.20 9.58
N LYS A 45 -16.62 -17.44 8.85
CA LYS A 45 -15.21 -17.31 9.21
C LYS A 45 -15.06 -15.93 9.75
N THR A 46 -14.15 -15.69 10.70
CA THR A 46 -14.01 -14.33 11.28
C THR A 46 -12.59 -13.82 11.23
N LEU A 47 -12.49 -12.51 11.10
CA LEU A 47 -11.24 -11.84 11.15
C LEU A 47 -11.17 -11.07 12.47
N LEU A 48 -10.04 -11.17 13.15
CA LEU A 48 -9.88 -10.43 14.35
C LEU A 48 -9.07 -9.21 13.98
N ALA A 49 -9.59 -8.01 14.23
CA ALA A 49 -8.94 -6.80 13.72
C ALA A 49 -8.61 -5.81 14.82
N PHE A 50 -7.35 -5.80 15.27
CA PHE A 50 -6.85 -4.90 16.33
C PHE A 50 -6.53 -3.54 15.77
N PHE A 51 -6.90 -2.50 16.51
CA PHE A 51 -6.52 -1.17 16.12
C PHE A 51 -6.03 -0.49 17.37
N ALA A 52 -4.79 0.02 17.34
CA ALA A 52 -4.22 0.77 18.44
C ALA A 52 -4.58 2.24 18.26
N LYS A 53 -5.06 2.54 17.08
CA LYS A 53 -5.51 3.88 16.72
C LYS A 53 -6.43 3.71 15.48
N PRO A 54 -7.57 4.46 15.51
CA PRO A 54 -8.57 4.39 14.44
C PRO A 54 -8.02 4.81 13.07
N SER A 55 -8.51 4.10 12.04
CA SER A 55 -8.37 4.56 10.68
C SER A 55 -9.67 4.17 10.08
N LEU A 56 -10.46 5.17 9.72
CA LEU A 56 -11.74 4.98 9.10
C LEU A 56 -11.55 4.09 7.90
N ARG A 57 -10.62 4.48 7.02
CA ARG A 57 -10.31 3.72 5.79
C ARG A 57 -10.03 2.26 6.08
N THR A 58 -9.14 2.02 7.03
CA THR A 58 -8.70 0.64 7.28
C THR A 58 -9.85 -0.13 7.91
N ARG A 59 -10.49 0.44 8.92
CA ARG A 59 -11.55 -0.24 9.61
C ARG A 59 -12.76 -0.53 8.73
N VAL A 60 -13.19 0.46 7.96
CA VAL A 60 -14.43 0.27 7.17
C VAL A 60 -14.16 -0.73 6.06
N SER A 61 -12.97 -0.67 5.47
CA SER A 61 -12.70 -1.55 4.30
C SER A 61 -12.60 -3.01 4.74
N LEU A 62 -11.99 -3.21 5.92
CA LEU A 62 -11.79 -4.53 6.54
C LEU A 62 -13.12 -5.18 6.95
N GLU A 63 -13.95 -4.40 7.66
CA GLU A 63 -15.22 -4.86 8.21
C GLU A 63 -16.19 -5.14 7.02
N THR A 64 -16.22 -4.23 6.05
CA THR A 64 -17.03 -4.37 4.84
C THR A 64 -16.55 -5.54 3.98
N ALA A 65 -15.22 -5.72 3.87
CA ALA A 65 -14.65 -6.79 3.04
C ALA A 65 -15.18 -8.10 3.53
N MET A 66 -15.21 -8.28 4.86
CA MET A 66 -15.63 -9.58 5.39
C MET A 66 -17.09 -9.82 5.16
N THR A 67 -17.91 -8.80 5.35
CA THR A 67 -19.36 -8.93 5.04
C THR A 67 -19.57 -9.32 3.59
N ARG A 68 -18.78 -8.76 2.70
CA ARG A 68 -18.96 -9.04 1.25
C ARG A 68 -18.59 -10.44 0.83
N LEU A 69 -17.76 -11.07 1.66
CA LEU A 69 -17.21 -12.40 1.50
C LEU A 69 -18.07 -13.34 2.32
N GLY A 70 -18.88 -12.77 3.24
CA GLY A 70 -19.93 -13.49 3.96
C GLY A 70 -19.55 -13.90 5.37
N GLY A 71 -18.51 -13.28 5.89
CA GLY A 71 -17.94 -13.64 7.18
C GLY A 71 -18.09 -12.40 8.03
N HIS A 72 -17.19 -12.23 8.98
CA HIS A 72 -17.35 -11.15 10.00
C HIS A 72 -16.00 -10.72 10.52
N ALA A 73 -15.84 -9.41 10.80
CA ALA A 73 -14.64 -8.89 11.43
C ALA A 73 -14.98 -8.37 12.81
N ILE A 74 -14.15 -8.75 13.77
CA ILE A 74 -14.22 -8.25 15.12
C ILE A 74 -13.34 -7.00 15.19
N TYR A 75 -13.95 -5.86 15.44
CA TYR A 75 -13.20 -4.67 15.63
C TYR A 75 -12.66 -4.67 17.09
N TYR A 76 -11.32 -4.93 17.24
CA TYR A 76 -10.78 -4.96 18.62
C TYR A 76 -9.88 -3.77 18.93
N GLU A 77 -10.44 -2.78 19.63
CA GLU A 77 -9.76 -1.53 19.90
C GLU A 77 -8.80 -1.69 21.08
N LEU A 78 -7.58 -1.17 20.95
CA LEU A 78 -6.60 -1.31 22.03
C LEU A 78 -6.38 -0.05 22.84
N THR A 89 0.10 -11.49 28.04
CA THR A 89 1.27 -11.75 27.19
C THR A 89 0.79 -11.72 25.74
N VAL A 90 1.64 -11.25 24.85
CA VAL A 90 1.31 -11.26 23.43
C VAL A 90 1.34 -12.66 22.83
N GLN A 91 2.30 -13.49 23.26
CA GLN A 91 2.34 -14.90 22.90
C GLN A 91 1.04 -15.64 23.24
N ASP A 92 0.59 -15.47 24.48
CA ASP A 92 -0.61 -16.07 25.04
C ASP A 92 -1.82 -15.54 24.30
N THR A 93 -1.85 -14.24 24.04
CA THR A 93 -2.94 -13.66 23.28
C THR A 93 -2.98 -14.32 21.89
N ALA A 94 -1.84 -14.30 21.18
CA ALA A 94 -1.79 -14.86 19.83
C ALA A 94 -2.07 -16.36 19.80
N GLU A 95 -1.51 -17.11 20.76
CA GLU A 95 -1.75 -18.55 20.89
C GLU A 95 -3.23 -18.82 21.07
N VAL A 96 -3.89 -17.92 21.80
CA VAL A 96 -5.29 -18.11 22.10
C VAL A 96 -6.19 -17.68 20.95
N PHE A 97 -5.91 -16.57 20.27
CA PHE A 97 -6.81 -16.17 19.16
C PHE A 97 -6.67 -17.07 17.93
N SER A 98 -5.52 -17.71 17.77
CA SER A 98 -5.23 -18.61 16.67
C SER A 98 -5.97 -19.93 16.78
N ARG A 99 -6.58 -20.19 17.92
CA ARG A 99 -7.43 -21.38 18.04
C ARG A 99 -8.91 -21.00 18.03
N MET A 100 -9.21 -19.73 17.70
CA MET A 100 -10.62 -19.24 17.62
C MET A 100 -10.93 -18.61 16.27
N VAL A 101 -10.12 -17.61 15.87
CA VAL A 101 -10.35 -16.86 14.63
C VAL A 101 -9.57 -17.51 13.47
N ASP A 102 -9.94 -17.12 12.25
CA ASP A 102 -9.36 -17.67 11.03
C ASP A 102 -8.24 -16.78 10.49
N ILE A 103 -8.28 -15.51 10.87
CA ILE A 103 -7.32 -14.55 10.31
C ILE A 103 -7.29 -13.34 11.19
N CYS A 104 -6.21 -12.56 11.12
CA CYS A 104 -6.00 -11.42 12.03
C CYS A 104 -5.33 -10.27 11.27
N THR A 105 -5.80 -9.05 11.48
CA THR A 105 -5.07 -7.88 10.98
C THR A 105 -4.84 -7.07 12.25
N ALA A 106 -3.78 -6.27 12.28
CA ALA A 106 -3.50 -5.45 13.46
C ALA A 106 -2.83 -4.19 13.00
N ARG A 107 -3.22 -3.10 13.63
CA ARG A 107 -2.68 -1.77 13.36
C ARG A 107 -1.99 -1.38 14.63
N LEU A 108 -0.69 -1.63 14.75
CA LEU A 108 0.03 -1.38 16.00
C LEU A 108 1.16 -0.38 15.76
N ALA A 109 1.54 0.35 16.81
CA ALA A 109 2.57 1.40 16.70
C ALA A 109 3.82 0.94 15.91
N THR A 110 4.56 -0.03 16.46
CA THR A 110 5.86 -0.42 15.90
C THR A 110 5.84 -1.77 15.20
N LYS A 111 6.78 -1.96 14.28
CA LYS A 111 6.95 -3.26 13.60
C LYS A 111 7.25 -4.39 14.57
N GLU A 112 7.69 -4.01 15.78
CA GLU A 112 8.13 -4.89 16.89
C GLU A 112 7.00 -5.71 17.49
N MET A 113 5.99 -5.00 17.98
CA MET A 113 4.71 -5.55 18.45
C MET A 113 4.00 -6.38 17.38
N MET A 114 4.08 -5.93 16.14
CA MET A 114 3.50 -6.63 15.00
C MET A 114 4.19 -7.95 14.73
N ARG A 115 5.52 -7.91 14.75
CA ARG A 115 6.38 -9.09 14.58
C ARG A 115 6.28 -10.08 15.72
N GLU A 116 6.20 -9.56 16.95
CA GLU A 116 6.01 -10.34 18.16
C GLU A 116 4.69 -11.13 18.07
N MET A 117 3.60 -10.42 17.75
CA MET A 117 2.28 -11.05 17.61
C MET A 117 2.30 -12.13 16.55
N ALA A 118 2.71 -11.75 15.34
CA ALA A 118 2.86 -12.70 14.26
C ALA A 118 3.75 -13.90 14.66
N GLN A 119 4.85 -13.65 15.38
CA GLN A 119 5.78 -14.74 15.78
C GLN A 119 5.01 -15.94 16.34
N HIS A 120 4.10 -15.66 17.26
CA HIS A 120 3.44 -16.75 18.03
C HIS A 120 2.09 -17.13 17.46
N ALA A 121 1.60 -16.35 16.52
CA ALA A 121 0.31 -16.58 15.89
C ALA A 121 0.41 -17.75 14.93
N SER A 122 -0.65 -18.53 14.90
CA SER A 122 -0.76 -19.71 14.04
C SER A 122 -1.92 -19.57 13.02
N VAL A 123 -2.50 -18.37 12.88
CA VAL A 123 -3.38 -18.00 11.76
C VAL A 123 -2.65 -16.87 11.02
N PRO A 124 -2.96 -16.64 9.74
CA PRO A 124 -2.30 -15.47 9.09
C PRO A 124 -2.45 -14.09 9.80
N CYS A 125 -1.36 -13.37 10.00
CA CYS A 125 -1.45 -11.97 10.50
C CYS A 125 -0.95 -10.94 9.43
N ILE A 126 -1.69 -9.85 9.35
CA ILE A 126 -1.55 -8.88 8.29
C ILE A 126 -1.33 -7.57 9.01
N ASN A 127 -0.27 -6.85 8.63
CA ASN A 127 0.02 -5.54 9.17
C ASN A 127 -0.92 -4.54 8.47
N ALA A 128 -1.80 -3.92 9.27
CA ALA A 128 -2.79 -2.96 8.76
C ALA A 128 -2.24 -1.54 8.88
N LEU A 129 -0.97 -1.43 9.29
CA LEU A 129 -0.15 -0.24 9.14
C LEU A 129 0.77 -0.21 10.35
N ASP A 130 2.07 -0.07 10.12
CA ASP A 130 3.02 0.17 11.21
C ASP A 130 4.10 1.06 10.66
N ASP A 131 5.20 1.24 11.40
CA ASP A 131 6.30 2.12 10.97
C ASP A 131 7.22 1.54 9.89
N PHE A 132 6.86 0.40 9.33
CA PHE A 132 7.72 -0.29 8.35
C PHE A 132 7.00 -0.67 7.03
N GLY A 133 5.68 -0.85 7.07
CA GLY A 133 4.88 -1.08 5.85
C GLY A 133 3.39 -0.77 5.89
N HIS A 134 2.68 -1.07 4.79
CA HIS A 134 1.24 -0.91 4.69
C HIS A 134 0.71 -1.66 3.47
N PRO A 135 0.79 -3.00 3.51
CA PRO A 135 0.59 -3.87 2.37
C PRO A 135 -0.84 -3.90 1.87
N LEU A 136 -1.80 -3.64 2.76
CA LEU A 136 -3.22 -3.52 2.36
C LEU A 136 -3.44 -2.32 1.43
N GLN A 137 -2.75 -1.24 1.74
CA GLN A 137 -2.70 -0.05 0.90
C GLN A 137 -1.97 -0.42 -0.39
N MET A 138 -0.93 -1.26 -0.31
CA MET A 138 -0.14 -1.52 -1.52
C MET A 138 -0.98 -2.25 -2.53
N VAL A 139 -1.69 -3.29 -2.11
CA VAL A 139 -2.57 -4.00 -3.06
C VAL A 139 -3.64 -3.02 -3.64
N CYS A 140 -4.05 -2.04 -2.83
CA CYS A 140 -5.03 -1.03 -3.20
C CYS A 140 -4.52 -0.17 -4.32
N ASP A 141 -3.37 0.43 -4.08
CA ASP A 141 -2.75 1.36 -5.02
C ASP A 141 -2.32 0.76 -6.36
N PHE A 142 -1.63 -0.36 -6.33
CA PHE A 142 -1.27 -0.98 -7.60
C PHE A 142 -2.47 -1.49 -8.38
N MET A 143 -3.46 -2.00 -7.66
CA MET A 143 -4.76 -2.26 -8.27
C MET A 143 -5.40 -1.02 -8.94
N THR A 144 -5.34 0.13 -8.27
CA THR A 144 -5.86 1.38 -8.79
C THR A 144 -5.08 1.80 -10.03
N ILE A 145 -3.74 1.68 -9.97
CA ILE A 145 -2.91 1.99 -11.11
C ILE A 145 -3.31 1.06 -12.31
N LYS A 146 -3.41 -0.25 -12.10
CA LYS A 146 -3.80 -1.13 -13.23
C LYS A 146 -5.16 -0.83 -13.80
N GLU A 147 -6.11 -0.59 -12.91
CA GLU A 147 -7.48 -0.21 -13.23
C GLU A 147 -7.56 1.04 -14.06
N LYS A 148 -6.97 2.12 -13.56
CA LYS A 148 -6.98 3.39 -14.28
C LYS A 148 -6.36 3.31 -15.68
N PHE A 149 -5.13 2.81 -15.77
CA PHE A 149 -4.42 2.76 -17.05
C PHE A 149 -5.04 1.80 -18.05
N THR A 150 -5.61 0.70 -17.56
CA THR A 150 -6.31 -0.27 -18.43
C THR A 150 -7.54 0.33 -19.11
N ALA A 151 -8.26 1.20 -18.40
CA ALA A 151 -9.48 1.78 -18.95
C ALA A 151 -9.21 2.87 -19.99
N ALA A 152 -8.12 3.60 -19.77
CA ALA A 152 -7.50 4.51 -20.73
C ALA A 152 -6.73 3.84 -21.88
N GLY A 153 -6.65 2.51 -21.89
CA GLY A 153 -5.91 1.78 -22.92
C GLY A 153 -4.40 1.99 -22.91
N GLU A 154 -3.86 2.35 -21.75
CA GLU A 154 -2.44 2.61 -21.54
C GLU A 154 -1.69 1.46 -20.82
N PHE A 155 -2.27 0.26 -20.85
CA PHE A 155 -1.69 -0.88 -20.08
C PHE A 155 -1.20 -2.04 -20.97
N SER A 156 -0.87 -1.76 -22.22
CA SER A 156 -0.25 -2.78 -23.10
C SER A 156 1.07 -3.30 -22.54
N ASN A 157 1.86 -2.49 -21.99
CA ASN A 157 3.14 -2.81 -21.33
C ASN A 157 3.03 -3.09 -19.82
N GLY A 158 1.79 -3.35 -19.37
CA GLY A 158 1.56 -3.74 -18.00
C GLY A 158 2.09 -2.67 -17.05
N PHE A 159 2.49 -3.10 -15.85
CA PHE A 159 3.17 -2.24 -14.88
C PHE A 159 4.57 -1.82 -15.35
N LYS A 160 5.16 -2.65 -16.21
CA LYS A 160 6.51 -2.42 -16.68
C LYS A 160 6.76 -1.01 -17.24
N GLY A 161 5.77 -0.47 -17.96
CA GLY A 161 5.88 0.83 -18.65
C GLY A 161 5.44 2.03 -17.83
N ILE A 162 4.82 1.77 -16.68
CA ILE A 162 4.30 2.86 -15.85
C ILE A 162 5.42 3.35 -14.98
N LYS A 163 5.88 4.57 -15.23
CA LYS A 163 6.93 5.18 -14.40
C LYS A 163 6.24 5.78 -13.17
N PHE A 164 6.76 5.50 -11.98
CA PHE A 164 6.09 5.86 -10.71
C PHE A 164 6.99 6.86 -9.96
N ALA A 165 6.43 7.91 -9.39
CA ALA A 165 7.24 8.74 -8.46
C ALA A 165 6.56 9.03 -7.11
N TYR A 166 7.33 8.93 -6.01
CA TYR A 166 6.85 9.22 -4.67
C TYR A 166 7.51 10.57 -4.34
N CYS A 167 6.72 11.54 -3.86
CA CYS A 167 7.27 12.87 -3.51
C CYS A 167 7.03 13.11 -2.04
N GLY A 168 8.02 13.67 -1.35
CA GLY A 168 7.81 14.01 0.04
C GLY A 168 8.75 13.34 1.00
N ASP A 169 8.32 13.28 2.25
CA ASP A 169 9.01 12.57 3.31
C ASP A 169 9.11 11.10 3.03
N SER A 170 10.35 10.65 2.81
CA SER A 170 10.54 9.35 2.25
C SER A 170 11.17 8.39 3.21
N MET A 171 11.30 8.83 4.46
CA MET A 171 11.63 7.91 5.51
C MET A 171 10.29 7.58 6.10
N ASN A 172 9.59 6.63 5.46
CA ASN A 172 8.19 6.57 5.61
C ASN A 172 7.75 5.17 5.27
N ASN A 173 6.99 4.56 6.11
CA ASN A 173 6.53 3.19 5.91
C ASN A 173 5.74 2.98 4.62
N VAL A 174 5.02 4.03 4.21
CA VAL A 174 4.24 4.00 2.96
C VAL A 174 5.18 4.03 1.75
N THR A 175 6.20 4.90 1.77
CA THR A 175 7.24 4.98 0.75
C THR A 175 8.02 3.66 0.66
N TYR A 176 8.44 3.11 1.81
CA TYR A 176 9.06 1.78 1.89
C TYR A 176 8.25 0.75 1.16
N ASP A 177 6.97 0.66 1.46
CA ASP A 177 6.17 -0.41 0.86
C ASP A 177 5.86 -0.15 -0.63
N LEU A 178 5.80 1.14 -1.09
CA LEU A 178 5.60 1.49 -2.53
C LEU A 178 6.87 1.06 -3.29
N MET A 179 8.04 1.38 -2.74
CA MET A 179 9.31 0.97 -3.36
C MET A 179 9.34 -0.54 -3.53
N ARG A 180 8.95 -1.28 -2.48
CA ARG A 180 8.86 -2.76 -2.59
C ARG A 180 7.86 -3.22 -3.66
N GLY A 181 6.67 -2.60 -3.73
CA GLY A 181 5.66 -3.00 -4.74
C GLY A 181 6.21 -2.79 -6.15
N CYS A 182 6.82 -1.63 -6.38
CA CYS A 182 7.43 -1.29 -7.65
C CYS A 182 8.52 -2.32 -7.98
N ALA A 183 9.44 -2.57 -7.07
CA ALA A 183 10.51 -3.52 -7.33
C ALA A 183 9.94 -4.86 -7.78
N LEU A 184 8.92 -5.33 -7.05
CA LEU A 184 8.21 -6.60 -7.23
C LEU A 184 7.57 -6.65 -8.62
N LEU A 185 6.97 -5.51 -8.99
CA LEU A 185 6.23 -5.39 -10.25
C LEU A 185 7.09 -4.94 -11.44
N GLY A 186 8.34 -4.52 -11.18
CA GLY A 186 9.28 -4.22 -12.24
C GLY A 186 9.07 -2.83 -12.79
N MET A 187 8.70 -1.91 -11.90
CA MET A 187 8.50 -0.53 -12.25
C MET A 187 9.72 0.30 -11.97
N GLU A 188 9.87 1.33 -12.79
CA GLU A 188 10.79 2.42 -12.49
C GLU A 188 10.16 3.25 -11.36
N CYS A 189 10.82 3.25 -10.21
CA CYS A 189 10.26 3.98 -9.07
C CYS A 189 11.24 5.14 -8.80
N HIS A 190 10.76 6.38 -8.75
CA HIS A 190 11.65 7.54 -8.40
C HIS A 190 11.23 8.02 -7.02
N VAL A 191 12.17 8.13 -6.08
CA VAL A 191 11.81 8.66 -4.78
C VAL A 191 12.31 10.07 -4.64
N CYS A 192 11.35 11.00 -4.57
CA CYS A 192 11.71 12.44 -4.60
C CYS A 192 11.66 13.03 -3.21
N CYS A 193 12.82 13.17 -2.63
CA CYS A 193 12.83 13.57 -1.23
C CYS A 193 13.89 14.63 -0.98
N PRO A 194 13.80 15.31 0.17
CA PRO A 194 14.84 16.25 0.57
C PRO A 194 16.17 15.54 0.83
N ASP A 195 17.22 16.10 0.26
CA ASP A 195 18.55 15.63 0.55
C ASP A 195 18.91 15.85 2.01
N HIS A 196 18.37 15.01 2.86
CA HIS A 196 18.44 15.14 4.31
C HIS A 196 18.23 13.77 4.96
N LYS A 197 19.22 13.32 5.72
CA LYS A 197 19.24 11.97 6.26
C LYS A 197 17.89 11.54 6.84
N ASP A 198 17.17 12.47 7.47
CA ASP A 198 15.88 12.18 8.15
C ASP A 198 14.66 12.05 7.23
N PHE A 199 14.85 12.27 5.94
CA PHE A 199 13.73 12.34 5.01
C PHE A 199 13.98 11.45 3.80
N LYS A 200 15.04 10.64 3.83
CA LYS A 200 15.35 9.74 2.72
C LYS A 200 14.96 8.32 3.09
N PRO A 201 14.72 7.44 2.09
CA PRO A 201 14.52 6.03 2.41
C PRO A 201 15.70 5.46 3.17
N ILE A 202 15.47 4.45 3.97
CA ILE A 202 16.53 3.84 4.75
C ILE A 202 17.33 2.87 3.86
N LYS A 203 18.65 2.77 4.02
CA LYS A 203 19.46 1.87 3.14
C LYS A 203 18.98 0.41 3.10
N GLU A 204 18.46 -0.07 4.23
CA GLU A 204 17.96 -1.41 4.34
C GLU A 204 16.84 -1.66 3.32
N VAL A 205 16.01 -0.63 3.12
CA VAL A 205 14.81 -0.71 2.29
C VAL A 205 15.23 -0.67 0.80
N ILE A 206 16.14 0.24 0.46
CA ILE A 206 16.76 0.28 -0.87
C ILE A 206 17.39 -1.08 -1.22
N ASP A 207 18.22 -1.61 -0.32
CA ASP A 207 18.85 -2.93 -0.50
C ASP A 207 17.85 -4.08 -0.73
N GLU A 208 16.83 -4.17 0.11
CA GLU A 208 15.74 -5.15 -0.13
C GLU A 208 15.20 -5.02 -1.53
N CYS A 209 14.94 -3.80 -1.96
CA CYS A 209 14.34 -3.61 -3.27
C CYS A 209 15.27 -4.02 -4.40
N GLU A 210 16.54 -3.68 -4.27
CA GLU A 210 17.46 -3.98 -5.36
C GLU A 210 17.72 -5.50 -5.44
N GLU A 211 17.72 -6.15 -4.27
CA GLU A 211 17.71 -7.59 -4.20
C GLU A 211 16.45 -8.27 -4.74
N ILE A 212 15.24 -7.71 -4.51
CA ILE A 212 14.11 -8.43 -5.07
C ILE A 212 14.10 -8.29 -6.58
N ILE A 213 14.46 -7.12 -7.10
CA ILE A 213 14.51 -7.00 -8.58
C ILE A 213 15.58 -7.90 -9.20
N ALA A 214 16.74 -7.99 -8.53
CA ALA A 214 17.81 -8.91 -8.92
C ALA A 214 17.34 -10.36 -8.89
N LYS A 215 16.66 -10.76 -7.81
CA LYS A 215 16.34 -12.17 -7.59
C LYS A 215 15.27 -12.63 -8.55
N HIS A 216 14.30 -11.76 -8.83
CA HIS A 216 13.24 -12.12 -9.79
C HIS A 216 13.46 -11.59 -11.17
N GLY A 217 14.54 -10.84 -11.41
CA GLY A 217 14.74 -10.19 -12.72
C GLY A 217 13.47 -9.47 -13.17
N THR A 218 12.98 -8.59 -12.30
CA THR A 218 11.69 -7.94 -12.52
C THR A 218 11.83 -6.81 -13.56
N GLY A 219 13.04 -6.26 -13.68
CA GLY A 219 13.27 -5.14 -14.59
C GLY A 219 12.91 -3.80 -13.98
N GLY A 220 12.60 -3.84 -12.69
CA GLY A 220 12.28 -2.63 -11.93
C GLY A 220 13.52 -1.87 -11.57
N SER A 221 13.33 -0.62 -11.16
CA SER A 221 14.50 0.15 -10.70
C SER A 221 14.05 1.10 -9.66
N ILE A 222 15.00 1.50 -8.80
CA ILE A 222 14.82 2.47 -7.71
C ILE A 222 15.78 3.62 -7.95
N LYS A 223 15.26 4.85 -8.00
CA LYS A 223 16.14 6.04 -8.18
C LYS A 223 15.77 7.10 -7.15
N ILE A 224 16.77 7.71 -6.53
CA ILE A 224 16.48 8.72 -5.52
C ILE A 224 16.82 10.10 -6.06
N PHE A 225 15.81 10.95 -6.17
CA PHE A 225 15.98 12.31 -6.64
C PHE A 225 15.88 13.27 -5.47
N HIS A 226 16.63 14.39 -5.54
CA HIS A 226 16.48 15.44 -4.52
C HIS A 226 15.90 16.74 -5.07
N ASP A 227 15.16 16.61 -6.18
CA ASP A 227 14.43 17.66 -6.88
C ASP A 227 13.20 16.96 -7.46
N CYS A 228 12.04 17.21 -6.88
CA CYS A 228 10.81 16.54 -7.28
C CYS A 228 10.44 16.75 -8.76
N LYS A 229 10.71 17.93 -9.31
CA LYS A 229 10.42 18.21 -10.72
C LYS A 229 11.27 17.38 -11.66
N LYS A 230 12.55 17.28 -11.30
CA LYS A 230 13.49 16.48 -12.04
C LYS A 230 13.06 15.04 -11.87
N GLY A 231 12.62 14.71 -10.65
CA GLY A 231 12.22 13.34 -10.36
C GLY A 231 10.94 12.92 -11.03
N CYS A 232 10.04 13.89 -11.21
CA CYS A 232 8.71 13.65 -11.77
C CYS A 232 8.64 13.84 -13.31
N GLU A 233 9.74 14.26 -13.92
CA GLU A 233 9.73 14.56 -15.35
C GLU A 233 9.46 13.26 -16.06
N GLY A 234 8.39 13.23 -16.83
CA GLY A 234 8.02 12.06 -17.61
C GLY A 234 7.21 10.99 -16.89
N VAL A 235 6.99 11.14 -15.59
CA VAL A 235 6.44 10.02 -14.81
C VAL A 235 4.93 9.84 -15.08
N ASP A 236 4.41 8.65 -14.82
CA ASP A 236 3.01 8.35 -15.12
C ASP A 236 2.11 8.39 -13.88
N VAL A 237 2.73 8.34 -12.70
CA VAL A 237 2.01 8.36 -11.43
C VAL A 237 2.82 9.27 -10.53
N VAL A 238 2.14 10.20 -9.87
CA VAL A 238 2.76 10.98 -8.82
C VAL A 238 2.03 10.78 -7.51
N TYR A 239 2.75 10.30 -6.49
CA TYR A 239 2.07 9.83 -5.32
C TYR A 239 2.72 10.62 -4.21
N THR A 240 1.91 11.10 -3.28
CA THR A 240 2.43 11.74 -2.08
C THR A 240 1.59 11.39 -0.87
N ASP A 241 2.07 11.71 0.32
CA ASP A 241 1.22 11.48 1.49
C ASP A 241 1.61 12.39 2.63
N SER A 242 0.85 12.27 3.72
CA SER A 242 0.85 13.22 4.79
C SER A 242 2.25 13.54 5.28
N TRP A 243 2.55 14.83 5.37
CA TRP A 243 3.75 15.35 6.02
C TRP A 243 3.74 15.25 7.56
N MET A 244 2.56 15.09 8.16
CA MET A 244 2.39 15.06 9.63
C MET A 244 3.12 13.90 10.29
N LYS A 253 9.50 23.81 14.88
CA LYS A 253 8.83 22.88 15.76
C LYS A 253 7.95 21.94 14.95
N GLU A 254 7.32 22.54 13.92
CA GLU A 254 6.62 21.91 12.81
C GLU A 254 7.35 22.44 11.59
N ALA A 255 8.65 22.71 11.80
CA ALA A 255 9.57 23.17 10.76
C ALA A 255 10.23 21.99 10.01
N ARG A 256 9.57 20.84 10.00
CA ARG A 256 9.72 19.96 8.86
C ARG A 256 9.26 20.63 7.54
N LEU A 257 8.44 21.67 7.68
CA LEU A 257 7.89 22.42 6.55
C LEU A 257 8.95 23.13 5.71
N LYS A 258 10.05 23.53 6.33
CA LYS A 258 11.08 24.23 5.56
C LYS A 258 11.84 23.23 4.68
N VAL A 259 12.06 22.03 5.20
CA VAL A 259 12.73 20.99 4.42
C VAL A 259 11.79 20.35 3.36
N LEU A 260 10.50 20.21 3.70
CA LEU A 260 9.51 19.50 2.87
C LEU A 260 8.89 20.36 1.78
N THR A 261 8.85 21.68 1.96
CA THR A 261 8.10 22.55 1.04
C THR A 261 8.48 22.47 -0.44
N PRO A 262 9.80 22.36 -0.77
CA PRO A 262 10.17 22.10 -2.16
C PRO A 262 9.65 20.76 -2.76
N PHE A 263 8.99 19.94 -1.92
CA PHE A 263 8.47 18.64 -2.38
C PHE A 263 7.00 18.54 -2.36
N GLN A 264 6.36 19.70 -2.28
CA GLN A 264 4.90 19.79 -2.38
C GLN A 264 4.52 19.45 -3.80
N VAL A 265 3.54 18.56 -3.99
CA VAL A 265 3.10 18.33 -5.37
C VAL A 265 2.14 19.46 -5.81
N ASP A 266 2.65 20.39 -6.61
CA ASP A 266 1.83 21.50 -7.17
C ASP A 266 1.60 21.37 -8.70
N ASP A 267 1.07 22.44 -9.31
CA ASP A 267 0.72 22.42 -10.73
C ASP A 267 2.00 22.30 -11.58
N ALA A 268 3.09 22.95 -11.15
CA ALA A 268 4.35 22.91 -11.91
C ALA A 268 4.98 21.53 -11.83
N VAL A 269 4.77 20.86 -10.72
CA VAL A 269 5.23 19.48 -10.58
C VAL A 269 4.44 18.60 -11.55
N MET A 270 3.10 18.67 -11.52
CA MET A 270 2.25 17.85 -12.39
C MET A 270 2.42 18.16 -13.88
N ALA A 271 2.71 19.43 -14.20
CA ALA A 271 3.02 19.88 -15.57
C ALA A 271 4.26 19.24 -16.20
N VAL A 272 5.11 18.56 -15.39
CA VAL A 272 6.27 17.94 -16.01
C VAL A 272 6.09 16.45 -16.25
N THR A 273 4.94 15.91 -15.79
CA THR A 273 4.68 14.47 -15.93
C THR A 273 4.11 14.11 -17.30
N SER A 274 3.88 12.83 -17.54
CA SER A 274 3.31 12.40 -18.81
C SER A 274 1.91 12.96 -19.01
N LYS A 275 1.43 12.95 -20.24
CA LYS A 275 0.11 13.42 -20.53
C LYS A 275 -0.95 12.48 -19.93
N ARG A 276 -0.62 11.19 -19.82
CA ARG A 276 -1.50 10.16 -19.20
C ARG A 276 -1.44 10.15 -17.65
N SER A 277 -0.55 10.94 -17.03
CA SER A 277 -0.26 10.76 -15.60
C SER A 277 -1.50 10.79 -14.74
N ILE A 278 -1.38 10.18 -13.57
CA ILE A 278 -2.44 10.27 -12.59
C ILE A 278 -1.76 10.70 -11.29
N PHE A 279 -2.53 11.24 -10.37
CA PHE A 279 -2.05 11.67 -9.06
C PHE A 279 -2.76 10.80 -7.95
N MET A 280 -1.96 10.29 -6.99
CA MET A 280 -2.42 9.42 -5.92
C MET A 280 -1.96 9.95 -4.56
N ASN A 281 -2.72 9.67 -3.49
CA ASN A 281 -2.36 10.00 -2.08
C ASN A 281 -3.23 9.05 -1.25
N CYS A 282 -2.59 8.22 -0.41
CA CYS A 282 -3.32 7.19 0.33
C CYS A 282 -4.30 7.78 1.35
N LEU A 283 -4.16 9.07 1.65
CA LEU A 283 -5.00 9.79 2.64
C LEU A 283 -4.62 9.49 4.12
N PRO A 284 -4.99 10.36 5.06
CA PRO A 284 -5.67 11.67 4.96
C PRO A 284 -4.87 12.72 4.17
N ALA A 285 -5.58 13.45 3.31
CA ALA A 285 -5.00 14.55 2.52
C ALA A 285 -5.08 15.88 3.27
N THR A 286 -3.97 16.61 3.30
CA THR A 286 -3.96 18.01 3.74
C THR A 286 -3.62 18.95 2.58
N ARG A 287 -4.65 19.64 2.10
CA ARG A 287 -4.64 20.36 0.83
C ARG A 287 -3.58 21.40 0.60
N GLY A 288 -2.94 21.91 1.64
CA GLY A 288 -1.83 22.86 1.40
C GLY A 288 -0.49 22.40 1.93
N GLU A 289 -0.38 21.11 2.25
CA GLU A 289 0.89 20.52 2.68
C GLU A 289 1.50 19.68 1.58
N GLU A 290 1.27 18.37 1.58
CA GLU A 290 1.95 17.48 0.63
C GLU A 290 1.51 17.74 -0.83
N GLN A 291 0.32 18.33 -0.99
CA GLN A 291 -0.09 18.80 -2.31
C GLN A 291 -1.04 20.00 -2.27
N THR A 292 -1.18 20.72 -3.38
CA THR A 292 -2.15 21.80 -3.50
C THR A 292 -3.53 21.26 -3.74
N ALA A 293 -4.53 22.06 -3.39
CA ALA A 293 -5.91 21.68 -3.56
C ALA A 293 -6.22 21.50 -5.05
N SER A 294 -5.57 22.30 -5.90
CA SER A 294 -5.70 22.17 -7.36
C SER A 294 -5.25 20.83 -7.94
N VAL A 295 -4.34 20.13 -7.26
CA VAL A 295 -3.86 18.81 -7.75
C VAL A 295 -4.84 17.76 -7.24
N ILE A 296 -5.08 17.73 -5.95
CA ILE A 296 -5.98 16.71 -5.41
C ILE A 296 -7.41 16.81 -5.88
N ASP A 297 -7.86 18.03 -6.16
CA ASP A 297 -9.22 18.27 -6.62
C ASP A 297 -9.23 18.49 -8.12
N GLY A 298 -8.06 18.39 -8.74
CA GLY A 298 -7.94 18.64 -10.15
C GLY A 298 -8.16 17.31 -10.85
N PRO A 299 -8.00 17.31 -12.18
CA PRO A 299 -8.39 16.21 -13.07
C PRO A 299 -7.49 14.94 -13.14
N LYS A 300 -6.26 15.03 -12.65
CA LYS A 300 -5.33 13.87 -12.59
C LYS A 300 -5.51 13.01 -11.33
N SER A 301 -6.24 13.54 -10.35
CA SER A 301 -6.45 12.92 -9.05
C SER A 301 -7.33 11.71 -9.10
N VAL A 302 -6.77 10.59 -8.67
CA VAL A 302 -7.59 9.40 -8.45
C VAL A 302 -7.83 9.06 -6.96
N CYS A 303 -7.62 10.02 -6.05
CA CYS A 303 -7.59 9.70 -4.62
C CYS A 303 -8.81 9.00 -4.03
N TYR A 304 -10.01 9.42 -4.41
CA TYR A 304 -11.19 8.86 -3.76
C TYR A 304 -11.50 7.45 -4.28
N ASP A 305 -11.33 7.23 -5.58
CA ASP A 305 -11.52 5.89 -6.17
C ASP A 305 -10.46 4.95 -5.63
N GLU A 306 -9.26 5.50 -5.43
CA GLU A 306 -8.16 4.77 -4.81
C GLU A 306 -8.55 4.37 -3.37
N ALA A 307 -9.19 5.24 -2.60
CA ALA A 307 -9.51 4.94 -1.20
C ALA A 307 -10.62 3.92 -1.11
N GLY A 308 -11.59 4.00 -2.02
CA GLY A 308 -12.63 3.00 -2.13
C GLY A 308 -12.10 1.62 -2.47
N ASN A 309 -10.98 1.59 -3.20
CA ASN A 309 -10.31 0.35 -3.62
C ASN A 309 -9.62 -0.38 -2.46
N ARG A 310 -9.52 0.27 -1.30
CA ARG A 310 -9.14 -0.40 -0.07
C ARG A 310 -10.04 -1.58 0.18
N LEU A 311 -11.32 -1.42 -0.18
CA LEU A 311 -12.33 -2.46 0.05
C LEU A 311 -11.99 -3.70 -0.75
N HIS A 312 -11.95 -3.56 -2.07
CA HIS A 312 -11.74 -4.71 -2.93
C HIS A 312 -10.36 -5.34 -2.78
N SER A 313 -9.32 -4.53 -2.58
CA SER A 313 -7.98 -5.09 -2.30
C SER A 313 -7.91 -5.79 -0.93
N ALA A 314 -8.79 -5.42 -0.03
CA ALA A 314 -8.85 -6.07 1.28
C ALA A 314 -9.49 -7.42 1.11
N MET A 315 -10.57 -7.50 0.30
CA MET A 315 -11.29 -8.76 0.13
C MET A 315 -10.35 -9.78 -0.49
N ALA A 316 -9.48 -9.32 -1.38
CA ALA A 316 -8.53 -10.19 -2.09
C ALA A 316 -7.50 -10.69 -1.15
N VAL A 317 -6.90 -9.79 -0.37
CA VAL A 317 -5.91 -10.23 0.58
C VAL A 317 -6.40 -11.21 1.64
N LEU A 318 -7.55 -10.90 2.26
CA LEU A 318 -8.19 -11.77 3.27
C LEU A 318 -8.53 -13.11 2.63
N ASP A 319 -9.17 -13.10 1.48
CA ASP A 319 -9.52 -14.34 0.81
C ASP A 319 -8.32 -15.23 0.61
N PHE A 320 -7.28 -14.67 0.02
CA PHE A 320 -6.05 -15.37 -0.23
C PHE A 320 -5.42 -15.92 1.04
N PHE A 321 -5.33 -15.14 2.12
CA PHE A 321 -4.66 -15.69 3.31
C PHE A 321 -5.53 -16.68 4.05
N LEU A 322 -6.84 -16.53 3.89
CA LEU A 322 -7.84 -17.44 4.43
C LEU A 322 -7.64 -18.88 3.81
N HIS A 323 -7.26 -18.94 2.53
CA HIS A 323 -6.93 -20.17 1.77
C HIS A 323 -5.37 -20.19 1.62
N ASP A 324 -4.84 -19.75 0.46
CA ASP A 324 -3.40 -19.47 0.16
C ASP A 324 -3.07 -19.63 -1.29
N CYS A 325 -3.91 -20.23 -2.06
CA CYS A 325 -3.37 -20.47 -3.36
C CYS A 325 -3.96 -19.79 -4.55
N LYS A 326 -3.08 -19.87 -5.52
CA LYS A 326 -3.36 -19.35 -6.83
C LYS A 326 -2.72 -17.99 -7.05
NI NI B . -20.14 -6.95 13.80
#